data_9OQU
#
_entry.id   9OQU
#
_cell.length_a   67.813
_cell.length_b   67.813
_cell.length_c   193.619
_cell.angle_alpha   90.000
_cell.angle_beta   90.000
_cell.angle_gamma   90.000
#
_symmetry.space_group_name_H-M   'P 41 21 2'
#
loop_
_entity.id
_entity.type
_entity.pdbx_description
1 polymer 'N-hydroxylamine dehydratase (NohD)'
2 non-polymer 'PROTOPORPHYRIN IX CONTAINING FE'
3 non-polymer N~5~-hydroxy-L-ornithine
4 water water
#
_entity_poly.entity_id   1
_entity_poly.type   'polypeptide(L)'
_entity_poly.pdbx_seq_one_letter_code
;MHVFPRYAAARPEQAAELVRSNPFALVVSAVDGVPVATHAPVILEGDAVEGGTLLGHMARANPHWRSFASSPDVLVVFSG
PHGYVSPTVYATDPAVPAWDYAAVHATGRVELAEDALDVVERTVAALEAPRDPAWTPTPASRERFRALLPGVVAFRVRVR
TEQSMFALSQDLDAERYARVREAFAADNPGLADLMDRSLEHHHHHH
;
_entity_poly.pdbx_strand_id   A,B
#
loop_
_chem_comp.id
_chem_comp.type
_chem_comp.name
_chem_comp.formula
HEM non-polymer 'PROTOPORPHYRIN IX CONTAINING FE' 'C34 H32 Fe N4 O4'
#
# COMPACT_ATOMS: atom_id res chain seq x y z
N MET A 1 1.64 -9.67 9.98
CA MET A 1 0.47 -8.98 10.53
C MET A 1 -0.07 -9.68 11.78
N HIS A 2 -0.32 -8.89 12.80
CA HIS A 2 -0.94 -9.34 14.04
C HIS A 2 -2.38 -8.87 14.00
N VAL A 3 -3.31 -9.81 13.90
CA VAL A 3 -4.73 -9.49 13.78
C VAL A 3 -5.32 -9.42 15.19
N PHE A 4 -5.63 -8.21 15.63
CA PHE A 4 -6.30 -8.01 16.90
C PHE A 4 -7.66 -8.71 16.87
N PRO A 5 -8.00 -9.51 17.88
CA PRO A 5 -9.25 -10.28 17.82
C PRO A 5 -10.47 -9.42 17.50
N ARG A 6 -10.54 -8.20 18.00
CA ARG A 6 -11.70 -7.36 17.71
C ARG A 6 -11.79 -6.98 16.24
N TYR A 7 -10.67 -7.04 15.52
CA TYR A 7 -10.64 -6.59 14.14
C TYR A 7 -10.56 -7.76 13.14
N ALA A 8 -10.89 -8.97 13.57
CA ALA A 8 -10.83 -10.11 12.69
C ALA A 8 -11.98 -10.11 11.70
N ALA A 9 -11.76 -10.74 10.55
CA ALA A 9 -12.82 -10.87 9.57
C ALA A 9 -14.01 -11.62 10.17
N ALA A 10 -15.21 -11.18 9.81
CA ALA A 10 -16.41 -11.85 10.29
C ALA A 10 -16.72 -13.10 9.49
N ARG A 11 -16.44 -13.09 8.19
CA ARG A 11 -16.71 -14.18 7.27
C ARG A 11 -15.51 -14.33 6.35
N PRO A 12 -15.16 -15.57 5.96
CA PRO A 12 -14.05 -15.73 5.00
C PRO A 12 -14.30 -15.06 3.66
N GLU A 13 -15.56 -14.88 3.26
CA GLU A 13 -15.85 -14.14 2.04
C GLU A 13 -15.37 -12.70 2.14
N GLN A 14 -15.27 -12.15 3.35
CA GLN A 14 -14.80 -10.79 3.52
C GLN A 14 -13.38 -10.63 3.01
N ALA A 15 -12.50 -11.58 3.33
CA ALA A 15 -11.12 -11.50 2.86
C ALA A 15 -11.05 -11.58 1.34
N ALA A 16 -11.71 -12.58 0.76
CA ALA A 16 -11.71 -12.74 -0.68
C ALA A 16 -12.30 -11.52 -1.37
N GLU A 17 -13.31 -10.91 -0.76
CA GLU A 17 -13.92 -9.71 -1.34
C GLU A 17 -12.92 -8.56 -1.39
N LEU A 18 -12.14 -8.36 -0.32
CA LEU A 18 -11.16 -7.28 -0.33
C LEU A 18 -10.09 -7.52 -1.39
N VAL A 19 -9.64 -8.77 -1.51
CA VAL A 19 -8.63 -9.12 -2.50
C VAL A 19 -9.13 -8.81 -3.90
N ARG A 20 -10.35 -9.27 -4.23
CA ARG A 20 -10.89 -9.03 -5.55
C ARG A 20 -11.12 -7.54 -5.81
N SER A 21 -11.46 -6.77 -4.77
CA SER A 21 -11.78 -5.37 -4.96
C SER A 21 -10.55 -4.49 -5.07
N ASN A 22 -9.40 -4.98 -4.67
CA ASN A 22 -8.16 -4.19 -4.57
C ASN A 22 -7.01 -5.00 -5.14
N PRO A 23 -7.00 -5.22 -6.47
CA PRO A 23 -5.98 -6.07 -7.09
C PRO A 23 -4.59 -5.45 -7.21
N PHE A 24 -4.44 -4.14 -7.00
CA PHE A 24 -3.11 -3.52 -7.11
C PHE A 24 -2.39 -3.76 -5.79
N ALA A 25 -1.56 -4.81 -5.76
CA ALA A 25 -1.06 -5.38 -4.52
C ALA A 25 0.44 -5.13 -4.37
N LEU A 26 0.97 -5.46 -3.19
CA LEU A 26 2.41 -5.41 -2.96
C LEU A 26 2.92 -6.84 -2.86
N VAL A 27 3.85 -7.20 -3.73
CA VAL A 27 4.45 -8.53 -3.78
C VAL A 27 5.83 -8.43 -3.16
N VAL A 28 6.10 -9.25 -2.13
CA VAL A 28 7.28 -9.12 -1.30
C VAL A 28 8.03 -10.44 -1.26
N SER A 29 9.34 -10.40 -1.45
CA SER A 29 10.18 -11.56 -1.16
C SER A 29 11.41 -11.12 -0.37
N ALA A 30 12.18 -12.10 0.09
CA ALA A 30 13.42 -11.84 0.80
C ALA A 30 14.60 -12.13 -0.13
N VAL A 31 15.52 -11.18 -0.24
CA VAL A 31 16.71 -11.31 -1.08
C VAL A 31 17.91 -10.97 -0.20
N ASP A 32 18.71 -11.98 0.14
CA ASP A 32 19.86 -11.82 1.03
C ASP A 32 19.46 -11.15 2.35
N GLY A 33 18.31 -11.57 2.89
CA GLY A 33 17.84 -11.06 4.17
C GLY A 33 17.13 -9.73 4.13
N VAL A 34 17.05 -9.10 2.97
CA VAL A 34 16.44 -7.79 2.78
C VAL A 34 15.09 -7.97 2.09
N PRO A 35 13.99 -7.46 2.65
CA PRO A 35 12.72 -7.56 1.92
C PRO A 35 12.78 -6.67 0.68
N VAL A 36 12.25 -7.19 -0.43
CA VAL A 36 12.15 -6.47 -1.69
C VAL A 36 10.70 -6.57 -2.15
N ALA A 37 10.14 -5.44 -2.61
CA ALA A 37 8.72 -5.39 -2.92
C ALA A 37 8.47 -4.77 -4.29
N THR A 38 7.44 -5.26 -4.97
CA THR A 38 7.00 -4.72 -6.25
C THR A 38 5.49 -4.49 -6.20
N HIS A 39 5.05 -3.34 -6.70
CA HIS A 39 3.63 -3.06 -6.83
C HIS A 39 3.16 -3.67 -8.15
N ALA A 40 2.14 -4.53 -8.11
CA ALA A 40 1.75 -5.22 -9.32
C ALA A 40 0.30 -5.65 -9.20
N PRO A 41 -0.42 -5.75 -10.31
CA PRO A 41 -1.80 -6.27 -10.24
C PRO A 41 -1.78 -7.78 -10.03
N VAL A 42 -2.56 -8.24 -9.05
CA VAL A 42 -2.62 -9.64 -8.65
C VAL A 42 -4.08 -10.04 -8.54
N ILE A 43 -4.45 -11.14 -9.19
CA ILE A 43 -5.83 -11.62 -9.17
C ILE A 43 -5.90 -12.97 -8.44
N LEU A 44 -7.10 -13.29 -7.96
CA LEU A 44 -7.31 -14.49 -7.16
C LEU A 44 -8.04 -15.54 -7.98
N GLU A 45 -7.54 -16.75 -7.97
CA GLU A 45 -8.20 -17.91 -8.57
C GLU A 45 -8.73 -18.77 -7.43
N GLY A 46 -10.05 -18.84 -7.30
CA GLY A 46 -10.71 -19.62 -6.27
C GLY A 46 -11.63 -18.79 -5.40
N ASP A 47 -12.37 -19.49 -4.56
CA ASP A 47 -13.36 -18.79 -3.73
C ASP A 47 -12.78 -18.25 -2.44
N ALA A 48 -11.66 -18.80 -1.97
CA ALA A 48 -11.06 -18.36 -0.73
C ALA A 48 -9.60 -18.01 -0.96
N VAL A 49 -9.10 -17.09 -0.14
CA VAL A 49 -7.69 -16.73 -0.23
C VAL A 49 -6.83 -17.90 0.24
N GLU A 50 -7.04 -18.35 1.47
CA GLU A 50 -6.31 -19.52 1.94
C GLU A 50 -6.60 -20.72 1.05
N GLY A 51 -5.53 -21.34 0.54
CA GLY A 51 -5.68 -22.43 -0.39
C GLY A 51 -5.92 -22.01 -1.82
N GLY A 52 -6.16 -20.72 -2.06
CA GLY A 52 -6.35 -20.24 -3.41
C GLY A 52 -5.02 -20.01 -4.10
N THR A 53 -5.10 -19.49 -5.31
CA THR A 53 -3.92 -19.22 -6.12
C THR A 53 -3.98 -17.76 -6.56
N LEU A 54 -2.88 -17.06 -6.37
CA LEU A 54 -2.76 -15.69 -6.86
C LEU A 54 -1.95 -15.71 -8.14
N LEU A 55 -2.32 -14.85 -9.09
CA LEU A 55 -1.63 -14.71 -10.37
C LEU A 55 -1.28 -13.25 -10.57
N GLY A 56 -0.05 -12.98 -10.98
CA GLY A 56 0.34 -11.61 -11.24
C GLY A 56 1.42 -11.57 -12.29
N HIS A 57 1.85 -10.35 -12.62
CA HIS A 57 2.97 -10.15 -13.55
C HIS A 57 3.77 -8.94 -13.13
N MET A 58 5.02 -8.87 -13.60
CA MET A 58 5.88 -7.69 -13.42
C MET A 58 6.78 -7.59 -14.64
N ALA A 59 7.61 -6.53 -14.66
CA ALA A 59 8.52 -6.32 -15.77
C ALA A 59 9.65 -7.34 -15.74
N ARG A 60 10.01 -7.88 -16.91
CA ARG A 60 11.22 -8.68 -16.94
C ARG A 60 12.45 -7.86 -16.52
N ALA A 61 12.45 -6.56 -16.83
CA ALA A 61 13.55 -5.66 -16.46
C ALA A 61 13.65 -5.41 -14.97
N ASN A 62 12.60 -5.77 -14.19
CA ASN A 62 12.58 -5.69 -12.74
C ASN A 62 13.23 -6.95 -12.17
N PRO A 63 14.41 -6.86 -11.54
CA PRO A 63 15.14 -8.07 -11.15
C PRO A 63 14.46 -8.86 -10.05
N HIS A 64 13.39 -8.32 -9.48
CA HIS A 64 12.70 -8.99 -8.35
C HIS A 64 12.32 -10.43 -8.70
N TRP A 65 11.82 -10.66 -9.92
CA TRP A 65 11.31 -11.99 -10.28
C TRP A 65 12.39 -13.04 -10.28
N ARG A 66 13.68 -12.67 -10.36
CA ARG A 66 14.72 -13.69 -10.31
C ARG A 66 14.73 -14.38 -8.95
N SER A 67 14.23 -13.73 -7.92
CA SER A 67 14.17 -14.40 -6.63
C SER A 67 13.08 -15.47 -6.58
N PHE A 68 12.16 -15.50 -7.56
CA PHE A 68 11.07 -16.47 -7.60
C PHE A 68 11.48 -17.81 -8.20
N ALA A 69 12.63 -17.88 -8.90
CA ALA A 69 13.01 -19.10 -9.59
C ALA A 69 13.17 -20.27 -8.61
N SER A 70 13.61 -19.99 -7.38
CA SER A 70 13.82 -21.06 -6.41
C SER A 70 12.53 -21.41 -5.67
N SER A 71 11.43 -20.75 -6.04
CA SER A 71 10.13 -20.94 -5.41
C SER A 71 10.19 -20.74 -3.89
N PRO A 72 10.57 -19.54 -3.43
CA PRO A 72 10.56 -19.26 -2.00
C PRO A 72 9.13 -18.89 -1.61
N ASP A 73 8.93 -18.67 -0.32
CA ASP A 73 7.69 -18.02 0.09
C ASP A 73 7.70 -16.56 -0.34
N VAL A 74 6.52 -16.08 -0.68
CA VAL A 74 6.33 -14.66 -0.96
C VAL A 74 5.11 -14.21 -0.17
N LEU A 75 5.09 -12.93 0.15
CA LEU A 75 3.96 -12.31 0.82
C LEU A 75 3.32 -11.36 -0.17
N VAL A 76 1.99 -11.45 -0.33
CA VAL A 76 1.25 -10.53 -1.17
C VAL A 76 0.31 -9.76 -0.26
N VAL A 77 0.43 -8.43 -0.26
CA VAL A 77 -0.40 -7.58 0.60
C VAL A 77 -1.42 -6.85 -0.25
N PHE A 78 -2.69 -7.08 0.06
CA PHE A 78 -3.82 -6.37 -0.54
C PHE A 78 -4.36 -5.35 0.45
N SER A 79 -4.46 -4.10 0.00
CA SER A 79 -4.87 -2.99 0.86
C SER A 79 -6.22 -2.46 0.40
N GLY A 80 -7.17 -2.38 1.32
CA GLY A 80 -8.45 -1.76 1.06
C GLY A 80 -8.44 -0.31 1.47
N PRO A 81 -9.62 0.30 1.48
CA PRO A 81 -9.76 1.68 1.97
C PRO A 81 -9.17 1.85 3.37
N HIS A 82 -8.75 3.07 3.66
CA HIS A 82 -8.15 3.36 4.95
C HIS A 82 -8.20 4.87 5.17
N GLY A 83 -8.06 5.27 6.44
CA GLY A 83 -8.07 6.68 6.76
C GLY A 83 -7.74 7.00 8.22
N TYR A 84 -7.05 8.11 8.41
CA TYR A 84 -6.74 8.60 9.75
C TYR A 84 -8.00 8.99 10.51
N VAL A 85 -8.07 8.60 11.78
CA VAL A 85 -9.16 9.01 12.67
C VAL A 85 -8.59 10.00 13.68
N SER A 86 -8.93 11.27 13.52
CA SER A 86 -8.47 12.31 14.44
C SER A 86 -9.34 12.35 15.70
N PRO A 87 -8.75 12.60 16.87
CA PRO A 87 -9.58 12.84 18.06
C PRO A 87 -10.57 13.98 17.88
N THR A 88 -10.33 14.87 16.92
CA THR A 88 -11.33 15.89 16.62
C THR A 88 -12.65 15.25 16.21
N VAL A 89 -12.60 14.12 15.54
CA VAL A 89 -13.82 13.40 15.17
C VAL A 89 -14.48 12.80 16.41
N TYR A 90 -13.67 12.16 17.27
CA TYR A 90 -14.21 11.53 18.48
C TYR A 90 -14.94 12.55 19.35
N ALA A 91 -14.38 13.77 19.45
CA ALA A 91 -14.96 14.83 20.26
C ALA A 91 -15.06 14.43 21.73
N THR A 92 -14.01 13.79 22.25
CA THR A 92 -13.97 13.36 23.63
C THR A 92 -12.62 13.74 24.23
N ASP A 93 -12.60 13.95 25.54
CA ASP A 93 -11.35 14.08 26.26
C ASP A 93 -11.03 12.76 26.96
N PRO A 94 -9.83 12.61 27.51
CA PRO A 94 -9.02 11.45 27.15
C PRO A 94 -9.34 10.94 25.74
N ALA A 95 -8.43 11.18 24.78
CA ALA A 95 -8.58 10.63 23.44
C ALA A 95 -7.20 10.29 22.89
N VAL A 96 -7.18 9.30 22.00
CA VAL A 96 -5.99 8.84 21.30
C VAL A 96 -6.37 8.67 19.83
N PRO A 97 -5.55 9.12 18.87
CA PRO A 97 -5.89 8.96 17.46
C PRO A 97 -5.86 7.49 17.06
N ALA A 98 -6.33 7.22 15.84
CA ALA A 98 -6.29 5.87 15.30
C ALA A 98 -6.16 5.97 13.79
N TRP A 99 -5.89 4.83 13.16
CA TRP A 99 -5.97 4.72 11.70
C TRP A 99 -6.81 3.50 11.39
N ASP A 100 -7.96 3.71 10.75
CA ASP A 100 -8.83 2.62 10.33
C ASP A 100 -8.36 2.10 8.98
N TYR A 101 -8.41 0.79 8.78
CA TYR A 101 -7.93 0.21 7.54
C TYR A 101 -8.37 -1.24 7.47
N ALA A 102 -8.32 -1.78 6.25
CA ALA A 102 -8.54 -3.19 5.99
C ALA A 102 -7.46 -3.69 5.04
N ALA A 103 -7.00 -4.92 5.29
CA ALA A 103 -5.91 -5.48 4.52
C ALA A 103 -5.94 -6.99 4.62
N VAL A 104 -5.45 -7.64 3.58
CA VAL A 104 -5.30 -9.09 3.55
C VAL A 104 -3.84 -9.41 3.23
N HIS A 105 -3.19 -10.22 4.07
CA HIS A 105 -1.82 -10.65 3.82
C HIS A 105 -1.83 -12.13 3.49
N ALA A 106 -1.44 -12.46 2.25
CA ALA A 106 -1.39 -13.85 1.78
C ALA A 106 0.06 -14.28 1.58
N THR A 107 0.43 -15.41 2.17
CA THR A 107 1.79 -15.95 2.07
C THR A 107 1.75 -17.35 1.49
N GLY A 108 2.69 -17.65 0.60
CA GLY A 108 2.72 -18.97 0.00
C GLY A 108 3.87 -19.07 -0.98
N ARG A 109 3.98 -20.24 -1.58
N ARG A 109 4.04 -20.27 -1.51
CA ARG A 109 5.11 -20.58 -2.45
CA ARG A 109 5.11 -20.53 -2.46
C ARG A 109 4.86 -20.05 -3.85
C ARG A 109 4.80 -19.83 -3.77
N VAL A 110 5.81 -19.23 -4.36
CA VAL A 110 5.71 -18.61 -5.68
C VAL A 110 6.25 -19.57 -6.72
N GLU A 111 5.76 -19.43 -7.95
CA GLU A 111 6.22 -20.26 -9.05
C GLU A 111 6.13 -19.39 -10.30
N LEU A 112 7.19 -19.35 -11.10
CA LEU A 112 7.13 -18.57 -12.32
C LEU A 112 6.16 -19.25 -13.28
N ALA A 113 5.36 -18.44 -13.98
CA ALA A 113 4.32 -18.93 -14.85
C ALA A 113 4.77 -18.95 -16.31
N GLU A 114 4.66 -20.11 -16.95
CA GLU A 114 4.99 -20.21 -18.36
C GLU A 114 3.91 -19.55 -19.22
N ASP A 115 2.67 -19.52 -18.74
CA ASP A 115 1.54 -18.99 -19.50
C ASP A 115 1.37 -17.49 -19.20
N ALA A 116 2.36 -16.70 -19.63
CA ALA A 116 2.34 -15.28 -19.29
C ALA A 116 1.23 -14.53 -20.01
N LEU A 117 0.96 -14.88 -21.28
CA LEU A 117 -0.14 -14.24 -22.00
C LEU A 117 -1.47 -14.52 -21.31
N ASP A 118 -1.68 -15.76 -20.86
CA ASP A 118 -2.91 -16.10 -20.16
C ASP A 118 -3.08 -15.25 -18.91
N VAL A 119 -2.00 -15.05 -18.15
CA VAL A 119 -2.11 -14.28 -16.91
C VAL A 119 -2.50 -12.84 -17.22
N VAL A 120 -1.83 -12.20 -18.20
CA VAL A 120 -2.13 -10.79 -18.42
C VAL A 120 -3.51 -10.62 -19.03
N GLU A 121 -3.95 -11.57 -19.86
CA GLU A 121 -5.28 -11.46 -20.45
C GLU A 121 -6.36 -11.70 -19.41
N ARG A 122 -6.12 -12.62 -18.47
CA ARG A 122 -7.07 -12.80 -17.37
C ARG A 122 -7.06 -11.59 -16.44
N THR A 123 -5.91 -10.91 -16.32
CA THR A 123 -5.87 -9.70 -15.51
C THR A 123 -6.67 -8.58 -16.15
N VAL A 124 -6.56 -8.42 -17.48
CA VAL A 124 -7.43 -7.46 -18.17
C VAL A 124 -8.89 -7.76 -17.86
N ALA A 125 -9.29 -9.03 -18.07
CA ALA A 125 -10.69 -9.38 -17.89
C ALA A 125 -11.17 -9.05 -16.49
N ALA A 126 -10.33 -9.31 -15.47
CA ALA A 126 -10.75 -9.10 -14.09
C ALA A 126 -10.84 -7.62 -13.75
N LEU A 127 -9.88 -6.81 -14.21
CA LEU A 127 -9.82 -5.40 -13.87
C LEU A 127 -10.81 -4.56 -14.68
N GLU A 128 -11.24 -5.05 -15.84
CA GLU A 128 -12.23 -4.32 -16.61
C GLU A 128 -13.67 -4.68 -16.23
N ALA A 129 -13.88 -5.82 -15.58
CA ALA A 129 -15.24 -6.24 -15.23
C ALA A 129 -16.03 -5.22 -14.40
N PRO A 130 -15.47 -4.49 -13.45
CA PRO A 130 -16.29 -3.51 -12.71
C PRO A 130 -16.60 -2.23 -13.48
N ARG A 131 -16.13 -2.10 -14.72
CA ARG A 131 -16.28 -0.87 -15.49
C ARG A 131 -17.46 -0.99 -16.46
N ASP A 132 -18.10 0.13 -16.73
CA ASP A 132 -19.24 0.15 -17.63
C ASP A 132 -19.15 1.35 -18.56
N PRO A 133 -18.81 1.14 -19.84
CA PRO A 133 -18.51 -0.16 -20.45
C PRO A 133 -17.10 -0.69 -20.19
N ALA A 134 -16.96 -2.00 -20.28
CA ALA A 134 -15.67 -2.68 -20.13
C ALA A 134 -14.92 -2.68 -21.46
N TRP A 135 -13.59 -2.60 -21.36
CA TRP A 135 -12.73 -2.63 -22.53
C TRP A 135 -12.41 -4.08 -22.87
N THR A 136 -12.72 -4.48 -24.10
CA THR A 136 -12.39 -5.81 -24.60
C THR A 136 -11.22 -5.69 -25.58
N PRO A 137 -10.09 -6.37 -25.35
CA PRO A 137 -8.96 -6.22 -26.27
C PRO A 137 -9.33 -6.65 -27.69
N THR A 138 -9.03 -5.78 -28.62
CA THR A 138 -9.20 -6.02 -30.05
C THR A 138 -8.09 -6.94 -30.55
N PRO A 139 -8.27 -7.54 -31.72
CA PRO A 139 -7.14 -8.28 -32.33
C PRO A 139 -5.85 -7.48 -32.37
N ALA A 140 -5.91 -6.19 -32.76
CA ALA A 140 -4.71 -5.37 -32.79
C ALA A 140 -4.09 -5.23 -31.39
N SER A 141 -4.91 -5.09 -30.35
CA SER A 141 -4.37 -4.99 -29.00
C SER A 141 -3.77 -6.31 -28.55
N ARG A 142 -4.41 -7.44 -28.90
CA ARG A 142 -3.85 -8.73 -28.52
C ARG A 142 -2.54 -9.01 -29.26
N GLU A 143 -2.42 -8.55 -30.51
CA GLU A 143 -1.13 -8.61 -31.19
C GLU A 143 -0.10 -7.78 -30.45
N ARG A 144 -0.50 -6.60 -29.97
CA ARG A 144 0.41 -5.80 -29.17
C ARG A 144 0.82 -6.54 -27.90
N PHE A 145 -0.12 -7.23 -27.23
CA PHE A 145 0.23 -8.06 -26.09
C PHE A 145 1.33 -9.04 -26.44
N ARG A 146 1.18 -9.76 -27.55
CA ARG A 146 2.20 -10.73 -27.95
C ARG A 146 3.53 -10.04 -28.21
N ALA A 147 3.50 -8.86 -28.83
CA ALA A 147 4.75 -8.14 -29.07
C ALA A 147 5.42 -7.75 -27.77
N LEU A 148 4.63 -7.51 -26.71
CA LEU A 148 5.17 -7.08 -25.43
C LEU A 148 5.65 -8.24 -24.56
N LEU A 149 5.17 -9.45 -24.83
CA LEU A 149 5.43 -10.61 -23.96
C LEU A 149 6.89 -10.82 -23.56
N PRO A 150 7.89 -10.67 -24.44
CA PRO A 150 9.27 -10.88 -24.00
C PRO A 150 9.67 -10.02 -22.81
N GLY A 151 9.00 -8.89 -22.60
CA GLY A 151 9.33 -8.01 -21.51
C GLY A 151 8.58 -8.23 -20.21
N VAL A 152 7.72 -9.24 -20.14
CA VAL A 152 6.89 -9.51 -18.97
C VAL A 152 7.31 -10.84 -18.34
N VAL A 153 7.16 -10.94 -17.01
CA VAL A 153 7.31 -12.20 -16.27
C VAL A 153 6.05 -12.39 -15.43
N ALA A 154 5.38 -13.53 -15.60
CA ALA A 154 4.17 -13.86 -14.85
C ALA A 154 4.49 -14.88 -13.76
N PHE A 155 3.67 -14.89 -12.71
CA PHE A 155 3.95 -15.78 -11.58
C PHE A 155 2.64 -16.17 -10.90
N ARG A 156 2.70 -17.28 -10.17
CA ARG A 156 1.61 -17.83 -9.38
C ARG A 156 2.05 -17.94 -7.94
N VAL A 157 1.14 -17.69 -6.99
CA VAL A 157 1.42 -17.94 -5.57
C VAL A 157 0.31 -18.86 -5.05
N ARG A 158 0.69 -20.01 -4.54
CA ARG A 158 -0.24 -20.91 -3.87
C ARG A 158 -0.29 -20.52 -2.40
N VAL A 159 -1.44 -19.98 -1.96
CA VAL A 159 -1.53 -19.35 -0.64
C VAL A 159 -1.58 -20.41 0.45
N ARG A 160 -0.58 -20.40 1.34
CA ARG A 160 -0.52 -21.30 2.48
C ARG A 160 -1.23 -20.72 3.69
N THR A 161 -1.10 -19.43 3.91
CA THR A 161 -1.68 -18.80 5.10
C THR A 161 -2.21 -17.43 4.69
N GLU A 162 -3.34 -17.06 5.27
CA GLU A 162 -3.96 -15.76 5.05
C GLU A 162 -4.27 -15.13 6.40
N GLN A 163 -3.90 -13.87 6.57
CA GLN A 163 -4.34 -13.07 7.72
C GLN A 163 -5.01 -11.81 7.19
N SER A 164 -6.17 -11.48 7.75
CA SER A 164 -6.94 -10.34 7.27
C SER A 164 -7.32 -9.45 8.46
N MET A 165 -7.12 -8.14 8.30
CA MET A 165 -7.43 -7.15 9.32
C MET A 165 -8.57 -6.27 8.82
N PHE A 166 -9.61 -6.10 9.65
CA PHE A 166 -10.70 -5.16 9.35
C PHE A 166 -10.85 -4.24 10.56
N ALA A 167 -9.95 -3.26 10.65
CA ALA A 167 -9.94 -2.28 11.74
C ALA A 167 -10.80 -1.09 11.32
N LEU A 168 -12.11 -1.23 11.54
CA LEU A 168 -13.12 -0.33 11.00
C LEU A 168 -14.01 0.20 12.09
N SER A 169 -13.44 0.45 13.27
CA SER A 169 -14.10 1.13 14.37
C SER A 169 -15.31 0.37 14.93
N GLN A 170 -15.42 -0.94 14.67
CA GLN A 170 -16.58 -1.70 15.15
C GLN A 170 -16.56 -1.85 16.67
N ASP A 171 -15.43 -1.57 17.32
CA ASP A 171 -15.38 -1.62 18.77
C ASP A 171 -15.94 -0.37 19.42
N LEU A 172 -16.12 0.72 18.67
CA LEU A 172 -16.63 1.94 19.27
C LEU A 172 -18.11 1.78 19.62
N ASP A 173 -18.57 2.62 20.53
CA ASP A 173 -19.99 2.63 20.77
C ASP A 173 -20.72 3.39 19.67
N ALA A 174 -22.04 3.26 19.68
CA ALA A 174 -22.88 3.82 18.63
C ALA A 174 -22.63 5.29 18.42
N GLU A 175 -22.46 6.06 19.50
CA GLU A 175 -22.27 7.51 19.37
C GLU A 175 -21.07 7.84 18.50
N ARG A 176 -19.90 7.40 18.91
CA ARG A 176 -18.65 7.75 18.22
C ARG A 176 -18.56 7.06 16.88
N TYR A 177 -19.08 5.84 16.81
CA TYR A 177 -19.10 5.15 15.53
C TYR A 177 -19.76 6.01 14.48
N ALA A 178 -20.89 6.61 14.84
CA ALA A 178 -21.59 7.50 13.91
C ALA A 178 -20.73 8.69 13.53
N ARG A 179 -20.03 9.28 14.51
CA ARG A 179 -19.15 10.41 14.22
C ARG A 179 -18.05 10.01 13.24
N VAL A 180 -17.45 8.84 13.45
CA VAL A 180 -16.37 8.38 12.57
C VAL A 180 -16.91 8.11 11.17
N ARG A 181 -18.03 7.38 11.09
CA ARG A 181 -18.64 7.07 9.80
C ARG A 181 -19.05 8.32 9.06
N GLU A 182 -19.65 9.29 9.76
CA GLU A 182 -20.07 10.52 9.09
C GLU A 182 -18.88 11.34 8.60
N ALA A 183 -17.78 11.33 9.36
CA ALA A 183 -16.60 12.09 8.94
C ALA A 183 -15.99 11.51 7.67
N PHE A 184 -15.98 10.18 7.55
CA PHE A 184 -15.43 9.55 6.35
C PHE A 184 -16.36 9.68 5.15
N ALA A 185 -17.66 9.89 5.37
CA ALA A 185 -18.61 9.97 4.27
C ALA A 185 -18.21 11.04 3.27
N ALA A 186 -17.60 12.12 3.75
CA ALA A 186 -17.28 13.26 2.91
C ALA A 186 -16.30 12.92 1.80
N ASP A 187 -15.02 12.78 2.14
CA ASP A 187 -13.96 12.63 1.15
C ASP A 187 -13.30 11.26 1.18
N ASN A 188 -13.82 10.32 1.95
CA ASN A 188 -13.36 8.93 1.91
C ASN A 188 -14.56 7.99 1.81
N PRO A 189 -15.37 8.13 0.75
CA PRO A 189 -16.57 7.28 0.65
C PRO A 189 -16.26 5.81 0.49
N GLY A 190 -15.09 5.48 -0.05
CA GLY A 190 -14.70 4.08 -0.11
C GLY A 190 -14.59 3.47 1.27
N LEU A 191 -13.99 4.20 2.21
CA LEU A 191 -13.91 3.70 3.58
C LEU A 191 -15.29 3.62 4.22
N ALA A 192 -16.12 4.64 4.00
CA ALA A 192 -17.48 4.61 4.54
C ALA A 192 -18.26 3.43 4.00
N ASP A 193 -18.13 3.15 2.69
CA ASP A 193 -18.82 2.00 2.10
C ASP A 193 -18.31 0.70 2.70
N LEU A 194 -17.01 0.62 2.97
CA LEU A 194 -16.46 -0.60 3.54
C LEU A 194 -16.93 -0.78 4.98
N MET A 195 -17.06 0.32 5.73
CA MET A 195 -17.65 0.23 7.07
C MET A 195 -19.05 -0.35 7.00
N ASP A 196 -19.87 0.14 6.06
CA ASP A 196 -21.23 -0.37 5.91
C ASP A 196 -21.23 -1.85 5.55
N ARG A 197 -20.39 -2.23 4.58
CA ARG A 197 -20.33 -3.64 4.18
C ARG A 197 -19.78 -4.52 5.30
N SER A 198 -18.96 -3.94 6.19
CA SER A 198 -18.39 -4.72 7.27
C SER A 198 -19.42 -5.05 8.34
N LEU A 199 -20.38 -4.16 8.58
CA LEU A 199 -21.44 -4.47 9.52
C LEU A 199 -22.53 -5.32 8.90
N GLU A 200 -22.51 -5.53 7.58
CA GLU A 200 -23.48 -6.37 6.86
C GLU A 200 -23.37 -7.84 7.26
N HIS A 201 -22.54 -8.13 8.26
CA HIS A 201 -22.31 -9.49 8.72
C HIS A 201 -22.91 -9.71 10.11
N MET B 1 11.88 -2.94 -5.45
CA MET B 1 11.38 -1.98 -6.43
C MET B 1 12.41 -1.72 -7.53
N HIS B 2 11.98 -1.78 -8.78
CA HIS B 2 12.78 -1.40 -9.93
C HIS B 2 12.23 -0.06 -10.45
N VAL B 3 13.00 1.01 -10.33
CA VAL B 3 12.53 2.32 -10.74
C VAL B 3 12.84 2.49 -12.24
N PHE B 4 11.80 2.39 -13.06
CA PHE B 4 11.94 2.66 -14.47
C PHE B 4 12.36 4.12 -14.67
N PRO B 5 13.41 4.38 -15.44
CA PRO B 5 13.86 5.78 -15.60
C PRO B 5 12.76 6.74 -16.00
N ARG B 6 11.80 6.29 -16.82
CA ARG B 6 10.72 7.17 -17.26
C ARG B 6 9.83 7.60 -16.10
N TYR B 7 9.80 6.82 -15.02
CA TYR B 7 8.95 7.12 -13.88
C TYR B 7 9.75 7.57 -12.66
N ALA B 8 11.01 7.98 -12.85
CA ALA B 8 11.84 8.36 -11.73
C ALA B 8 11.47 9.74 -11.21
N ALA B 9 11.77 9.96 -9.93
CA ALA B 9 11.59 11.27 -9.32
C ALA B 9 12.50 12.29 -9.99
N ALA B 10 11.99 13.51 -10.15
CA ALA B 10 12.80 14.59 -10.70
C ALA B 10 13.73 15.18 -9.66
N ARG B 11 13.29 15.25 -8.40
CA ARG B 11 14.06 15.79 -7.30
C ARG B 11 13.86 14.89 -6.08
N PRO B 12 14.89 14.72 -5.25
CA PRO B 12 14.70 13.94 -4.01
C PRO B 12 13.66 14.55 -3.08
N GLU B 13 13.38 15.85 -3.22
CA GLU B 13 12.31 16.46 -2.44
C GLU B 13 10.96 15.79 -2.73
N GLN B 14 10.78 15.22 -3.92
CA GLN B 14 9.52 14.54 -4.21
C GLN B 14 9.34 13.32 -3.32
N ALA B 15 10.41 12.56 -3.09
CA ALA B 15 10.30 11.38 -2.24
C ALA B 15 9.93 11.76 -0.81
N ALA B 16 10.64 12.74 -0.24
CA ALA B 16 10.35 13.17 1.11
C ALA B 16 8.93 13.74 1.23
N GLU B 17 8.47 14.44 0.20
CA GLU B 17 7.11 14.98 0.24
C GLU B 17 6.08 13.85 0.27
N LEU B 18 6.29 12.80 -0.53
CA LEU B 18 5.34 11.69 -0.50
C LEU B 18 5.34 11.01 0.86
N VAL B 19 6.52 10.78 1.43
CA VAL B 19 6.62 10.16 2.74
C VAL B 19 5.88 10.97 3.79
N ARG B 20 6.13 12.28 3.83
CA ARG B 20 5.46 13.11 4.82
C ARG B 20 3.95 13.13 4.62
N SER B 21 3.49 13.05 3.38
CA SER B 21 2.07 13.15 3.07
C SER B 21 1.32 11.84 3.29
N ASN B 22 2.02 10.71 3.38
CA ASN B 22 1.39 9.40 3.47
C ASN B 22 2.07 8.59 4.58
N PRO B 23 1.84 8.98 5.84
CA PRO B 23 2.56 8.35 6.95
C PRO B 23 2.10 6.94 7.31
N PHE B 24 0.94 6.47 6.83
CA PHE B 24 0.48 5.14 7.21
C PHE B 24 1.19 4.17 6.28
N ALA B 25 2.29 3.59 6.76
CA ALA B 25 3.23 2.87 5.93
C ALA B 25 3.15 1.38 6.20
N LEU B 26 3.85 0.62 5.38
CA LEU B 26 4.00 -0.81 5.59
C LEU B 26 5.42 -1.11 6.01
N VAL B 27 5.58 -1.69 7.20
CA VAL B 27 6.89 -2.02 7.73
C VAL B 27 7.12 -3.51 7.50
N VAL B 28 8.21 -3.87 6.84
CA VAL B 28 8.43 -5.24 6.39
C VAL B 28 9.76 -5.75 6.90
N SER B 29 9.77 -6.97 7.44
CA SER B 29 10.99 -7.68 7.76
C SER B 29 10.95 -9.03 7.07
N ALA B 30 12.10 -9.66 7.01
CA ALA B 30 12.24 -11.02 6.48
C ALA B 30 12.87 -11.90 7.55
N VAL B 31 12.25 -13.03 7.83
CA VAL B 31 12.75 -13.97 8.81
C VAL B 31 12.84 -15.34 8.13
N ASP B 32 14.06 -15.84 7.96
CA ASP B 32 14.29 -17.13 7.30
C ASP B 32 13.56 -17.19 5.97
N GLY B 33 13.65 -16.11 5.21
CA GLY B 33 13.06 -16.08 3.89
C GLY B 33 11.58 -15.75 3.83
N VAL B 34 10.89 -15.58 4.95
CA VAL B 34 9.46 -15.29 4.91
C VAL B 34 9.25 -13.83 5.30
N PRO B 35 8.70 -13.00 4.41
CA PRO B 35 8.41 -11.62 4.78
C PRO B 35 7.21 -11.52 5.70
N VAL B 36 7.33 -10.63 6.68
CA VAL B 36 6.22 -10.29 7.58
C VAL B 36 6.06 -8.79 7.57
N ALA B 37 4.82 -8.31 7.50
CA ALA B 37 4.56 -6.88 7.36
C ALA B 37 3.55 -6.41 8.40
N THR B 38 3.74 -5.19 8.88
CA THR B 38 2.82 -4.52 9.79
C THR B 38 2.49 -3.14 9.25
N HIS B 39 1.22 -2.78 9.30
CA HIS B 39 0.75 -1.46 8.93
C HIS B 39 0.88 -0.53 10.14
N ALA B 40 1.62 0.57 9.98
CA ALA B 40 1.90 1.42 11.13
C ALA B 40 2.19 2.84 10.67
N PRO B 41 1.90 3.84 11.51
CA PRO B 41 2.31 5.22 11.19
C PRO B 41 3.80 5.41 11.39
N VAL B 42 4.46 5.97 10.38
CA VAL B 42 5.91 6.15 10.37
C VAL B 42 6.20 7.57 9.92
N ILE B 43 7.03 8.29 10.67
CA ILE B 43 7.38 9.67 10.34
C ILE B 43 8.86 9.75 9.97
N LEU B 44 9.20 10.82 9.24
CA LEU B 44 10.53 11.02 8.70
C LEU B 44 11.25 12.11 9.51
N GLU B 45 12.48 11.82 9.92
CA GLU B 45 13.36 12.79 10.56
C GLU B 45 14.45 13.20 9.56
N GLY B 46 14.40 14.44 9.10
CA GLY B 46 15.38 14.96 8.16
C GLY B 46 14.76 15.44 6.87
N ASP B 47 15.60 16.05 6.04
CA ASP B 47 15.14 16.63 4.79
C ASP B 47 15.09 15.63 3.65
N ALA B 48 15.84 14.54 3.74
CA ALA B 48 15.85 13.52 2.69
C ALA B 48 15.56 12.16 3.30
N VAL B 49 14.95 11.31 2.48
CA VAL B 49 14.68 9.93 2.89
C VAL B 49 15.99 9.14 2.98
N GLU B 50 16.73 9.07 1.88
CA GLU B 50 18.05 8.44 1.91
C GLU B 50 18.95 9.17 2.91
N GLY B 51 19.52 8.41 3.84
CA GLY B 51 20.30 8.98 4.92
C GLY B 51 19.49 9.50 6.08
N GLY B 52 18.17 9.56 5.94
CA GLY B 52 17.31 10.03 7.00
C GLY B 52 17.01 8.94 8.00
N THR B 53 16.14 9.27 8.94
CA THR B 53 15.72 8.35 9.99
C THR B 53 14.20 8.32 10.02
N LEU B 54 13.63 7.13 10.02
CA LEU B 54 12.20 6.95 10.16
C LEU B 54 11.90 6.54 11.60
N LEU B 55 10.78 7.05 12.13
CA LEU B 55 10.32 6.70 13.49
C LEU B 55 8.90 6.17 13.41
N GLY B 56 8.65 5.06 14.09
CA GLY B 56 7.30 4.52 14.11
C GLY B 56 7.05 3.73 15.39
N HIS B 57 5.86 3.20 15.49
CA HIS B 57 5.55 2.29 16.58
C HIS B 57 4.56 1.24 16.11
N MET B 58 4.51 0.15 16.85
CA MET B 58 3.55 -0.92 16.67
C MET B 58 3.20 -1.48 18.04
N ALA B 59 2.31 -2.47 18.04
CA ALA B 59 1.85 -3.06 19.28
C ALA B 59 2.93 -3.94 19.89
N ARG B 60 3.11 -3.84 21.22
CA ARG B 60 3.98 -4.80 21.88
C ARG B 60 3.46 -6.23 21.70
N ALA B 61 2.13 -6.39 21.60
CA ALA B 61 1.50 -7.69 21.42
C ALA B 61 1.76 -8.29 20.04
N ASN B 62 2.22 -7.48 19.10
CA ASN B 62 2.56 -7.85 17.73
C ASN B 62 3.97 -8.44 17.74
N PRO B 63 4.12 -9.74 17.51
CA PRO B 63 5.45 -10.38 17.64
C PRO B 63 6.46 -9.89 16.60
N HIS B 64 6.03 -9.07 15.63
CA HIS B 64 6.91 -8.60 14.57
C HIS B 64 8.19 -7.96 15.13
N TRP B 65 8.06 -7.13 16.18
CA TRP B 65 9.24 -6.43 16.68
C TRP B 65 10.27 -7.37 17.28
N ARG B 66 9.87 -8.59 17.67
CA ARG B 66 10.82 -9.54 18.24
C ARG B 66 11.89 -9.94 17.24
N SER B 67 11.58 -9.86 15.95
CA SER B 67 12.51 -10.17 14.88
C SER B 67 13.53 -9.07 14.63
N PHE B 68 13.39 -7.91 15.27
CA PHE B 68 14.27 -6.80 14.91
C PHE B 68 15.71 -7.05 15.33
N ALA B 69 15.94 -7.85 16.39
CA ALA B 69 17.31 -8.09 16.82
C ALA B 69 18.05 -9.03 15.87
N SER B 70 17.41 -10.11 15.41
CA SER B 70 18.05 -11.11 14.56
C SER B 70 17.89 -10.85 13.07
N SER B 71 17.09 -9.87 12.68
CA SER B 71 16.82 -9.59 11.27
C SER B 71 16.60 -8.08 11.13
N PRO B 72 17.67 -7.29 11.31
CA PRO B 72 17.51 -5.83 11.34
C PRO B 72 17.35 -5.15 9.98
N ASP B 73 17.52 -5.84 8.86
CA ASP B 73 17.20 -5.26 7.54
C ASP B 73 15.71 -5.12 7.37
N VAL B 74 15.22 -3.89 7.28
N VAL B 74 15.23 -3.89 7.20
CA VAL B 74 13.79 -3.66 7.11
CA VAL B 74 13.79 -3.62 7.17
C VAL B 74 13.55 -2.84 5.86
C VAL B 74 13.47 -2.70 6.00
N LEU B 75 12.33 -2.95 5.36
CA LEU B 75 11.84 -2.13 4.27
C LEU B 75 10.59 -1.41 4.75
N VAL B 76 10.52 -0.10 4.51
CA VAL B 76 9.30 0.66 4.79
C VAL B 76 8.75 1.20 3.48
N VAL B 77 7.50 0.83 3.17
CA VAL B 77 6.84 1.24 1.92
C VAL B 77 5.84 2.35 2.25
N PHE B 78 6.02 3.51 1.61
CA PHE B 78 5.06 4.62 1.69
C PHE B 78 4.34 4.71 0.35
N SER B 79 3.02 4.71 0.38
CA SER B 79 2.21 4.69 -0.84
C SER B 79 1.41 5.97 -0.98
N GLY B 80 1.54 6.63 -2.13
CA GLY B 80 0.72 7.78 -2.41
C GLY B 80 -0.54 7.41 -3.16
N PRO B 81 -1.24 8.42 -3.69
CA PRO B 81 -2.42 8.15 -4.53
C PRO B 81 -2.10 7.18 -5.66
N HIS B 82 -3.14 6.47 -6.11
CA HIS B 82 -2.99 5.52 -7.21
C HIS B 82 -4.35 5.25 -7.84
N GLY B 83 -4.32 4.70 -9.05
CA GLY B 83 -5.55 4.34 -9.73
C GLY B 83 -5.35 3.61 -11.04
N TYR B 84 -6.28 2.70 -11.32
CA TYR B 84 -6.29 1.97 -12.58
C TYR B 84 -6.54 2.90 -13.76
N VAL B 85 -5.76 2.72 -14.82
CA VAL B 85 -5.96 3.46 -16.07
C VAL B 85 -6.49 2.48 -17.12
N SER B 86 -7.77 2.60 -17.43
CA SER B 86 -8.39 1.76 -18.44
C SER B 86 -8.08 2.27 -19.84
N PRO B 87 -7.83 1.37 -20.80
CA PRO B 87 -7.69 1.82 -22.21
C PRO B 87 -8.93 2.55 -22.71
N THR B 88 -10.08 2.38 -22.09
CA THR B 88 -11.24 3.16 -22.48
C THR B 88 -10.97 4.65 -22.37
N VAL B 89 -10.15 5.06 -21.39
CA VAL B 89 -9.79 6.46 -21.22
C VAL B 89 -8.95 6.95 -22.39
N TYR B 90 -7.99 6.13 -22.83
CA TYR B 90 -7.15 6.52 -23.97
C TYR B 90 -7.99 6.78 -25.21
N ALA B 91 -8.99 5.93 -25.47
CA ALA B 91 -9.81 6.00 -26.67
C ALA B 91 -8.96 5.81 -27.92
N THR B 92 -8.04 4.84 -27.86
CA THR B 92 -7.15 4.50 -28.96
C THR B 92 -7.13 2.99 -29.12
N ASP B 93 -6.87 2.55 -30.34
CA ASP B 93 -6.62 1.15 -30.64
C ASP B 93 -5.13 0.91 -30.78
N PRO B 94 -4.71 -0.35 -30.89
CA PRO B 94 -3.70 -0.86 -29.98
C PRO B 94 -3.71 -0.10 -28.65
N ALA B 95 -4.07 -0.79 -27.57
CA ALA B 95 -3.99 -0.20 -26.24
C ALA B 95 -3.64 -1.29 -25.23
N VAL B 96 -3.00 -0.87 -24.14
CA VAL B 96 -2.65 -1.75 -23.02
C VAL B 96 -2.99 -1.01 -21.74
N PRO B 97 -3.62 -1.64 -20.74
CA PRO B 97 -3.95 -0.94 -19.49
C PRO B 97 -2.69 -0.58 -18.72
N ALA B 98 -2.90 0.22 -17.68
CA ALA B 98 -1.84 0.63 -16.77
C ALA B 98 -2.44 0.85 -15.38
N TRP B 99 -1.56 0.98 -14.40
CA TRP B 99 -1.95 1.44 -13.06
C TRP B 99 -1.00 2.57 -12.71
N ASP B 100 -1.55 3.76 -12.52
CA ASP B 100 -0.75 4.92 -12.14
C ASP B 100 -0.61 4.96 -10.62
N TYR B 101 0.60 5.30 -10.16
CA TYR B 101 0.83 5.29 -8.71
C TYR B 101 2.16 5.96 -8.39
N ALA B 102 2.31 6.33 -7.12
CA ALA B 102 3.59 6.79 -6.63
C ALA B 102 3.86 6.09 -5.30
N ALA B 103 5.12 5.76 -5.06
CA ALA B 103 5.48 5.08 -3.83
C ALA B 103 6.94 5.35 -3.55
N VAL B 104 7.30 5.31 -2.26
CA VAL B 104 8.68 5.41 -1.83
C VAL B 104 9.01 4.19 -1.00
N HIS B 105 10.09 3.50 -1.35
CA HIS B 105 10.59 2.36 -0.62
C HIS B 105 11.89 2.75 0.08
N ALA B 106 11.88 2.73 1.41
CA ALA B 106 13.06 3.06 2.21
C ALA B 106 13.58 1.78 2.85
N THR B 107 14.85 1.48 2.64
CA THR B 107 15.45 0.27 3.16
C THR B 107 16.60 0.62 4.07
N GLY B 108 16.70 -0.07 5.21
CA GLY B 108 17.77 0.20 6.14
C GLY B 108 17.72 -0.72 7.33
N ARG B 109 18.42 -0.32 8.39
CA ARG B 109 18.55 -1.11 9.60
C ARG B 109 17.56 -0.58 10.63
N VAL B 110 16.89 -1.50 11.32
CA VAL B 110 15.94 -1.14 12.36
C VAL B 110 16.59 -1.31 13.73
N GLU B 111 16.12 -0.52 14.69
CA GLU B 111 16.55 -0.57 16.08
C GLU B 111 15.39 -0.15 16.96
N LEU B 112 15.31 -0.71 18.15
CA LEU B 112 14.30 -0.25 19.08
C LEU B 112 14.59 1.18 19.51
N ALA B 113 13.54 1.99 19.61
CA ALA B 113 13.67 3.38 20.06
C ALA B 113 13.39 3.40 21.56
N GLU B 114 14.31 3.99 22.33
CA GLU B 114 14.12 4.00 23.78
C GLU B 114 13.03 4.98 24.24
N ASP B 115 12.87 6.10 23.54
CA ASP B 115 11.89 7.13 23.94
C ASP B 115 10.60 6.93 23.15
N ALA B 116 9.83 5.92 23.56
CA ALA B 116 8.58 5.64 22.84
C ALA B 116 7.59 6.78 22.99
N LEU B 117 7.56 7.45 24.14
CA LEU B 117 6.65 8.59 24.32
C LEU B 117 6.92 9.68 23.29
N ASP B 118 8.20 10.02 23.09
CA ASP B 118 8.55 11.03 22.08
C ASP B 118 8.09 10.60 20.69
N VAL B 119 8.27 9.32 20.34
CA VAL B 119 7.87 8.86 19.01
C VAL B 119 6.36 9.04 18.82
N VAL B 120 5.55 8.60 19.80
CA VAL B 120 4.12 8.66 19.56
C VAL B 120 3.63 10.10 19.62
N GLU B 121 4.27 10.94 20.45
CA GLU B 121 3.83 12.33 20.52
C GLU B 121 4.23 13.09 19.25
N ARG B 122 5.40 12.81 18.69
CA ARG B 122 5.76 13.41 17.42
C ARG B 122 4.90 12.90 16.29
N THR B 123 4.43 11.66 16.39
CA THR B 123 3.53 11.13 15.37
C THR B 123 2.20 11.85 15.40
N VAL B 124 1.64 12.07 16.59
CA VAL B 124 0.43 12.90 16.71
C VAL B 124 0.65 14.25 16.05
N ALA B 125 1.73 14.93 16.42
CA ALA B 125 1.99 16.27 15.91
C ALA B 125 2.06 16.28 14.39
N ALA B 126 2.70 15.26 13.80
CA ALA B 126 2.88 15.21 12.36
C ALA B 126 1.56 14.93 11.64
N LEU B 127 0.75 14.03 12.18
CA LEU B 127 -0.49 13.67 11.50
C LEU B 127 -1.57 14.72 11.68
N GLU B 128 -1.49 15.53 12.73
CA GLU B 128 -2.45 16.62 12.92
C GLU B 128 -2.03 17.91 12.24
N ALA B 129 -0.75 18.06 11.93
CA ALA B 129 -0.26 19.32 11.34
C ALA B 129 -1.01 19.75 10.08
N PRO B 130 -1.34 18.87 9.13
CA PRO B 130 -2.07 19.33 7.94
C PRO B 130 -3.55 19.60 8.18
N ARG B 131 -4.07 19.38 9.38
CA ARG B 131 -5.48 19.49 9.65
C ARG B 131 -5.82 20.85 10.26
N ASP B 132 -7.05 21.30 10.01
CA ASP B 132 -7.58 22.54 10.55
C ASP B 132 -9.00 22.28 11.05
N PRO B 133 -9.23 22.29 12.37
CA PRO B 133 -8.19 22.59 13.36
C PRO B 133 -7.32 21.39 13.63
N ALA B 134 -6.10 21.61 14.10
CA ALA B 134 -5.23 20.53 14.53
C ALA B 134 -5.56 20.19 15.98
N TRP B 135 -5.52 18.90 16.30
CA TRP B 135 -5.77 18.45 17.66
C TRP B 135 -4.46 18.41 18.43
N THR B 136 -4.40 19.15 19.53
CA THR B 136 -3.28 19.13 20.45
C THR B 136 -3.67 18.34 21.70
N PRO B 137 -2.86 17.36 22.10
CA PRO B 137 -3.22 16.54 23.26
C PRO B 137 -3.40 17.37 24.53
N THR B 138 -4.51 17.12 25.22
CA THR B 138 -4.77 17.73 26.51
C THR B 138 -3.90 17.07 27.58
N PRO B 139 -3.77 17.71 28.75
CA PRO B 139 -3.11 17.03 29.88
C PRO B 139 -3.69 15.65 30.16
N ALA B 140 -5.01 15.52 30.16
CA ALA B 140 -5.61 14.21 30.38
C ALA B 140 -5.24 13.23 29.27
N SER B 141 -5.15 13.70 28.03
CA SER B 141 -4.75 12.81 26.96
C SER B 141 -3.29 12.40 27.12
N ARG B 142 -2.43 13.34 27.50
CA ARG B 142 -1.02 13.00 27.69
C ARG B 142 -0.83 12.04 28.85
N GLU B 143 -1.64 12.18 29.92
CA GLU B 143 -1.62 11.20 30.99
C GLU B 143 -2.03 9.82 30.47
N ARG B 144 -3.05 9.78 29.61
CA ARG B 144 -3.46 8.51 29.02
C ARG B 144 -2.34 7.92 28.16
N PHE B 145 -1.65 8.76 27.39
CA PHE B 145 -0.49 8.30 26.61
C PHE B 145 0.51 7.58 27.51
N ARG B 146 0.88 8.22 28.62
CA ARG B 146 1.87 7.62 29.50
C ARG B 146 1.36 6.30 30.08
N ALA B 147 0.06 6.23 30.37
CA ALA B 147 -0.51 4.99 30.88
C ALA B 147 -0.51 3.88 29.84
N LEU B 148 -0.62 4.24 28.56
CA LEU B 148 -0.69 3.26 27.48
C LEU B 148 0.69 2.81 27.02
N LEU B 149 1.71 3.61 27.30
CA LEU B 149 3.06 3.36 26.78
C LEU B 149 3.56 1.94 26.93
N PRO B 150 3.35 1.23 28.06
CA PRO B 150 3.84 -0.15 28.16
C PRO B 150 3.38 -1.05 27.02
N GLY B 151 2.26 -0.72 26.40
CA GLY B 151 1.78 -1.54 25.32
C GLY B 151 2.35 -1.22 23.95
N VAL B 152 3.32 -0.29 23.86
CA VAL B 152 3.89 0.18 22.59
C VAL B 152 5.30 -0.34 22.47
N VAL B 153 5.71 -0.59 21.23
CA VAL B 153 7.12 -0.78 20.91
C VAL B 153 7.42 0.24 19.83
N ALA B 154 8.34 1.15 20.11
CA ALA B 154 8.72 2.16 19.13
C ALA B 154 10.02 1.74 18.49
N PHE B 155 10.25 2.20 17.25
CA PHE B 155 11.42 1.78 16.52
C PHE B 155 11.92 2.91 15.64
N ARG B 156 13.18 2.79 15.26
CA ARG B 156 13.88 3.72 14.38
C ARG B 156 14.43 2.96 13.18
N VAL B 157 14.37 3.54 11.99
CA VAL B 157 15.01 2.95 10.83
C VAL B 157 16.00 3.96 10.27
N ARG B 158 17.27 3.58 10.22
CA ARG B 158 18.31 4.37 9.58
C ARG B 158 18.29 3.98 8.10
N VAL B 159 17.83 4.88 7.24
CA VAL B 159 17.59 4.55 5.83
C VAL B 159 18.92 4.55 5.07
N ARG B 160 19.28 3.40 4.50
CA ARG B 160 20.45 3.26 3.65
C ARG B 160 20.14 3.57 2.20
N THR B 161 18.97 3.20 1.71
CA THR B 161 18.64 3.38 0.31
C THR B 161 17.20 3.83 0.17
N GLU B 162 16.96 4.70 -0.81
CA GLU B 162 15.61 5.15 -1.13
C GLU B 162 15.40 4.89 -2.61
N GLN B 163 14.28 4.26 -2.94
CA GLN B 163 13.82 4.10 -4.32
C GLN B 163 12.42 4.66 -4.42
N SER B 164 12.16 5.46 -5.44
CA SER B 164 10.86 6.11 -5.56
C SER B 164 10.30 5.90 -6.96
N MET B 165 9.04 5.51 -7.04
CA MET B 165 8.36 5.36 -8.32
C MET B 165 7.31 6.44 -8.45
N PHE B 166 7.32 7.14 -9.58
CA PHE B 166 6.25 8.09 -9.92
C PHE B 166 5.71 7.68 -11.28
N ALA B 167 4.86 6.64 -11.27
CA ALA B 167 4.26 6.12 -12.49
C ALA B 167 2.98 6.89 -12.75
N LEU B 168 3.13 8.05 -13.39
CA LEU B 168 2.06 9.04 -13.50
C LEU B 168 1.82 9.44 -14.94
N SER B 169 1.92 8.48 -15.85
CA SER B 169 1.53 8.65 -17.25
C SER B 169 2.40 9.63 -18.02
N GLN B 170 3.62 9.91 -17.53
CA GLN B 170 4.48 10.88 -18.20
C GLN B 170 4.98 10.37 -19.55
N ASP B 171 4.89 9.07 -19.81
CA ASP B 171 5.32 8.52 -21.10
C ASP B 171 4.26 8.63 -22.18
N LEU B 172 3.02 8.95 -21.81
CA LEU B 172 1.96 9.13 -22.80
C LEU B 172 2.18 10.42 -23.59
N ASP B 173 1.55 10.51 -24.77
CA ASP B 173 1.62 11.79 -25.43
C ASP B 173 0.66 12.77 -24.76
N ALA B 174 0.83 14.06 -25.07
CA ALA B 174 0.09 15.11 -24.37
C ALA B 174 -1.41 14.90 -24.46
N GLU B 175 -1.91 14.52 -25.64
CA GLU B 175 -3.34 14.28 -25.80
C GLU B 175 -3.84 13.20 -24.85
N ARG B 176 -3.20 12.02 -24.88
CA ARG B 176 -3.63 10.94 -24.00
C ARG B 176 -3.42 11.29 -22.53
N TYR B 177 -2.30 11.94 -22.19
CA TYR B 177 -2.06 12.37 -20.82
C TYR B 177 -3.21 13.24 -20.31
N ALA B 178 -3.67 14.19 -21.13
CA ALA B 178 -4.77 15.06 -20.70
C ALA B 178 -6.03 14.26 -20.40
N ARG B 179 -6.33 13.26 -21.24
CA ARG B 179 -7.49 12.42 -21.00
C ARG B 179 -7.37 11.70 -19.67
N VAL B 180 -6.18 11.18 -19.37
CA VAL B 180 -5.99 10.43 -18.13
C VAL B 180 -6.20 11.35 -16.93
N ARG B 181 -5.57 12.54 -16.97
CA ARG B 181 -5.71 13.46 -15.84
C ARG B 181 -7.16 13.89 -15.64
N GLU B 182 -7.88 14.18 -16.73
CA GLU B 182 -9.26 14.62 -16.60
C GLU B 182 -10.15 13.52 -16.04
N ALA B 183 -9.87 12.27 -16.41
CA ALA B 183 -10.65 11.15 -15.89
C ALA B 183 -10.44 10.99 -14.38
N PHE B 184 -9.22 11.23 -13.91
CA PHE B 184 -8.96 11.13 -12.47
C PHE B 184 -9.47 12.34 -11.70
N ALA B 185 -9.66 13.49 -12.36
CA ALA B 185 -10.01 14.71 -11.63
C ALA B 185 -11.28 14.56 -10.81
N ALA B 186 -12.25 13.78 -11.29
CA ALA B 186 -13.54 13.65 -10.62
C ALA B 186 -13.41 12.99 -9.25
N ASP B 187 -13.15 11.68 -9.24
CA ASP B 187 -13.21 10.91 -8.01
C ASP B 187 -11.85 10.45 -7.49
N ASN B 188 -10.76 10.87 -8.13
CA ASN B 188 -9.41 10.67 -7.59
C ASN B 188 -8.63 11.99 -7.68
N PRO B 189 -9.13 13.05 -7.05
CA PRO B 189 -8.43 14.34 -7.18
C PRO B 189 -7.04 14.33 -6.59
N GLY B 190 -6.80 13.47 -5.59
CA GLY B 190 -5.45 13.33 -5.06
C GLY B 190 -4.46 12.85 -6.10
N LEU B 191 -4.88 11.89 -6.92
CA LEU B 191 -4.03 11.42 -8.02
C LEU B 191 -3.85 12.49 -9.09
N ALA B 192 -4.93 13.19 -9.44
CA ALA B 192 -4.80 14.28 -10.42
C ALA B 192 -3.86 15.34 -9.91
N ASP B 193 -3.97 15.69 -8.62
CA ASP B 193 -3.08 16.70 -8.05
C ASP B 193 -1.63 16.22 -8.06
N LEU B 194 -1.42 14.92 -7.84
CA LEU B 194 -0.06 14.39 -7.87
C LEU B 194 0.51 14.41 -9.28
N MET B 195 -0.31 14.09 -10.29
CA MET B 195 0.15 14.20 -11.67
C MET B 195 0.65 15.62 -11.94
N ASP B 196 -0.12 16.62 -11.50
CA ASP B 196 0.25 18.01 -11.73
C ASP B 196 1.58 18.36 -11.07
N ARG B 197 1.75 18.01 -9.80
CA ARG B 197 2.99 18.36 -9.11
C ARG B 197 4.19 17.59 -9.65
N SER B 198 3.97 16.37 -10.15
CA SER B 198 5.08 15.58 -10.65
C SER B 198 5.54 16.05 -12.02
N LEU B 199 4.62 16.58 -12.83
CA LEU B 199 5.00 17.04 -14.16
C LEU B 199 5.69 18.39 -14.14
N GLU B 200 5.73 19.08 -13.00
CA GLU B 200 6.33 20.41 -12.95
C GLU B 200 7.80 20.38 -13.34
N HIS B 201 8.60 19.59 -12.61
CA HIS B 201 10.03 19.53 -12.88
C HIS B 201 10.44 18.20 -13.50
N HIS B 202 9.50 17.49 -14.11
CA HIS B 202 9.83 16.21 -14.75
C HIS B 202 10.75 16.44 -15.95
N HIS B 203 11.85 15.70 -15.99
CA HIS B 203 12.86 15.85 -17.03
C HIS B 203 12.88 14.63 -17.93
N HIS B 204 12.44 14.82 -19.17
CA HIS B 204 12.76 13.86 -20.20
C HIS B 204 14.20 14.07 -20.64
N HIS B 205 14.85 12.96 -20.97
CA HIS B 205 16.18 12.99 -21.56
C HIS B 205 17.28 13.32 -20.54
N HIS B 206 17.15 12.79 -19.33
CA HIS B 206 18.06 13.13 -18.25
C HIS B 206 18.64 11.89 -17.58
CHA HEM C . 4.77 -4.14 -16.35
CHB HEM C . 0.32 -3.11 -14.69
CHC HEM C . -1.65 -5.59 -18.37
CHD HEM C . 2.80 -6.32 -20.20
C1A HEM C . 3.73 -3.70 -15.52
C2A HEM C . 3.87 -3.01 -14.24
C3A HEM C . 2.64 -2.73 -13.79
C4A HEM C . 1.69 -3.22 -14.77
CMA HEM C . 2.28 -2.03 -12.47
CAA HEM C . 5.20 -2.69 -13.52
CBA HEM C . 5.61 -3.94 -12.74
CGA HEM C . 7.00 -3.79 -12.18
O1A HEM C . 7.86 -4.66 -12.44
O2A HEM C . 7.26 -2.76 -11.49
C1B HEM C . -0.60 -3.70 -15.53
C2B HEM C . -2.03 -3.70 -15.34
C3B HEM C . -2.59 -4.41 -16.32
C4B HEM C . -1.51 -4.85 -17.21
CMB HEM C . -2.79 -3.04 -14.17
CAB HEM C . -4.11 -4.60 -16.42
CBB HEM C . -4.59 -5.72 -16.97
C1C HEM C . -0.61 -5.97 -19.21
C2C HEM C . -0.79 -6.65 -20.46
C3C HEM C . 0.43 -6.89 -20.98
C4C HEM C . 1.43 -6.32 -20.07
CMC HEM C . -2.16 -7.05 -21.06
CAC HEM C . 0.71 -7.59 -22.33
CBC HEM C . 1.84 -8.28 -22.50
C1D HEM C . 3.71 -5.69 -19.39
C2D HEM C . 5.10 -5.39 -19.72
C3D HEM C . 5.65 -4.77 -18.65
C4D HEM C . 4.61 -4.67 -17.62
CMD HEM C . 5.78 -5.71 -21.08
CAD HEM C . 7.12 -4.26 -18.55
CBD HEM C . 7.14 -2.74 -18.78
CGD HEM C . 8.55 -2.18 -18.93
O1D HEM C . 8.67 -0.94 -19.15
O2D HEM C . 9.54 -2.95 -18.86
NA HEM C . 2.39 -3.79 -15.80
NB HEM C . -0.33 -4.41 -16.69
NC HEM C . 0.73 -5.78 -19.00
ND HEM C . 3.48 -5.25 -18.10
FE HEM C . 1.55 -4.93 -17.33
C ONH D . 4.13 -0.05 -22.74
N ONH D . 4.23 0.49 -20.28
O ONH D . 4.74 -0.65 -23.65
CA ONH D . 4.55 -0.65 -21.24
CB ONH D . 3.79 -1.93 -20.89
CD ONH D . 1.81 -2.83 -19.66
NE ONH D . 1.46 -2.95 -18.19
CG ONH D . 2.79 -1.66 -19.75
OZ ONH D . 1.01 -1.74 -17.77
OXT ONH D . 3.30 0.84 -22.72
CHA HEM E . -0.58 0.37 18.27
CHB HEM E . -1.73 3.79 15.01
CHC HEM E . -0.75 7.24 18.31
CHD HEM E . -0.34 3.81 21.71
C1A HEM E . -0.93 0.99 17.07
C2A HEM E . -1.24 0.35 15.80
C3A HEM E . -1.56 1.29 14.93
C4A HEM E . -1.47 2.57 15.59
CMA HEM E . -1.96 1.06 13.46
CAA HEM E . -1.21 -1.16 15.48
CBA HEM E . 0.23 -1.54 15.16
CGA HEM E . 0.32 -3.04 14.97
O1A HEM E . 1.20 -3.66 15.62
O2A HEM E . -0.46 -3.61 14.17
C1B HEM E . -1.55 5.01 15.61
C2B HEM E . -1.78 6.30 14.98
C3B HEM E . -1.48 7.25 15.88
C4B HEM E . -1.10 6.62 17.13
CMB HEM E . -2.21 6.52 13.52
CAB HEM E . -1.59 8.76 15.58
CBB HEM E . -0.75 9.60 16.17
C1C HEM E . -0.56 6.63 19.54
C2C HEM E . -0.30 7.28 20.81
C3C HEM E . -0.17 6.33 21.75
C4C HEM E . -0.36 5.05 21.11
CMC HEM E . -0.17 8.80 21.04
CAC HEM E . 0.10 6.57 23.25
CBC HEM E . 0.92 5.72 23.91
C1D HEM E . -0.49 2.59 21.10
C2D HEM E . -0.72 1.31 21.76
C3D HEM E . -0.77 0.35 20.81
C4D HEM E . -0.59 1.00 19.50
CMD HEM E . -0.87 1.12 23.30
CAD HEM E . -1.02 -1.16 21.03
CBD HEM E . -2.54 -1.37 21.06
CGD HEM E . -2.91 -2.81 21.31
O1D HEM E . -2.11 -3.57 21.92
O2D HEM E . -4.03 -3.21 20.92
NA HEM E . -1.08 2.35 16.91
NB HEM E . -1.16 5.25 16.91
NC HEM E . -0.59 5.27 19.77
ND HEM E . -0.42 2.34 19.74
FE HEM E . -0.67 3.84 18.31
#